data_3WQJ
#
_entry.id   3WQJ
#
_cell.length_a   62.739
_cell.length_b   62.739
_cell.length_c   331.464
_cell.angle_alpha   90.00
_cell.angle_beta   90.00
_cell.angle_gamma   120.00
#
_symmetry.space_group_name_H-M   'H 3 2'
#
loop_
_entity.id
_entity.type
_entity.pdbx_description
1 polymer Archaerhodopsin-2
2 non-polymer RETINAL
3 non-polymer BACTERIORUBERIN
4 non-polymer 'SULFATE ION'
5 non-polymer 2,3-DI-PHYTANYL-GLYCEROL
6 non-polymer "2,3-DI-O-PHYTANLY-3-SN-GLYCERO-1-PHOSPHORYL-3'-SN-GLYCEROL-1'-PHOSPHATE"
7 non-polymer 3-[GLYCEROLYLPHOSPHONYL]-[1,2-DI-PHYTANYL]GLYCEROL
8 non-polymer (6E,10E,14E,18E)-2,6,10,15,19,23-hexamethyltetracosa-2,6,10,14,18,22-hexaene
9 water water
#
_entity_poly.entity_id   1
_entity_poly.type   'polypeptide(L)'
_entity_poly.pdbx_seq_one_letter_code
;MDPIALQAGFDLLNDGRPETLWLGIGTLLMLIGTFYFIARGWGVTDKEAREYYAITILVPGIASAAYLAMFFGIGVTEVE
LASGTVLDIYYARYADWLFTTPLLLLDLALLAKVDRVTIGTLIGVDALMIVTGLIGALSKTPLARYTWWLFSTIAFLFVL
YYLLTSLRSAAAKRSEEVRSTFNTLTALVAVLWTAYPILWIVGTEGAGVVGLGIETLAFMVLDVTAKVGFGFVLLRSRAI
LGETEAPEPSAGADASAAD
;
_entity_poly.pdbx_strand_id   A
#
loop_
_chem_comp.id
_chem_comp.type
_chem_comp.name
_chem_comp.formula
22B non-polymer BACTERIORUBERIN 'C50 H76 O4'
L2P non-polymer 2,3-DI-PHYTANYL-GLYCEROL 'C43 H88 O3'
L3P non-polymer 2,3-DI-O-PHYTANLY-3-SN-GLYCERO-1-PHOSPHORYL-3'-SN-GLYCEROL-1'-PHOSPHATE 'C46 H94 O11 P2 -2'
L4P non-polymer 3-[GLYCEROLYLPHOSPHONYL]-[1,2-DI-PHYTANYL]GLYCEROL 'C46 H95 O8 P'
RET non-polymer RETINAL 'C20 H28 O'
SO4 non-polymer 'SULFATE ION' 'O4 S -2'
SQL non-polymer (6E,10E,14E,18E)-2,6,10,15,19,23-hexamethyltetracosa-2,6,10,14,18,22-hexaene 'C30 H50'
#
# COMPACT_ATOMS: atom_id res chain seq x y z
N GLN A 7 -21.09 -2.34 11.62
CA GLN A 7 -19.73 -2.39 12.25
C GLN A 7 -19.26 -1.14 13.03
N ALA A 8 -18.00 -1.17 13.50
CA ALA A 8 -17.37 -0.04 14.20
C ALA A 8 -17.18 1.13 13.25
N GLY A 9 -17.60 2.33 13.68
CA GLY A 9 -17.53 3.52 12.86
C GLY A 9 -18.78 4.38 12.96
N PHE A 10 -19.10 5.07 11.89
CA PHE A 10 -20.25 5.99 11.82
C PHE A 10 -20.65 6.13 10.34
N ASP A 11 -21.92 5.88 10.07
CA ASP A 11 -22.49 5.81 8.72
C ASP A 11 -22.63 7.23 8.19
N LEU A 12 -21.53 7.82 7.77
CA LEU A 12 -21.54 9.20 7.31
C LEU A 12 -22.54 9.53 6.21
N LEU A 13 -22.74 8.63 5.25
CA LEU A 13 -23.51 8.94 4.04
C LEU A 13 -24.93 8.36 4.09
N ASN A 14 -25.29 7.87 5.27
CA ASN A 14 -26.61 7.28 5.48
C ASN A 14 -26.95 6.15 4.50
N ASP A 15 -25.96 5.32 4.16
CA ASP A 15 -26.14 4.26 3.14
C ASP A 15 -25.87 2.91 3.77
N GLY A 16 -25.84 2.93 5.09
CA GLY A 16 -25.62 1.73 5.89
C GLY A 16 -24.21 1.20 6.02
N ARG A 17 -23.21 2.08 5.90
CA ARG A 17 -21.81 1.67 6.01
C ARG A 17 -21.06 2.47 7.07
N PRO A 18 -21.02 1.96 8.29
CA PRO A 18 -20.30 2.66 9.36
C PRO A 18 -18.82 2.81 9.07
N GLU A 19 -18.22 1.93 8.27
CA GLU A 19 -16.82 2.09 7.88
C GLU A 19 -16.47 3.37 7.09
N THR A 20 -17.45 4.08 6.55
CA THR A 20 -17.17 5.32 5.84
C THR A 20 -16.53 6.36 6.77
N LEU A 21 -16.77 6.27 8.09
CA LEU A 21 -16.04 7.15 9.02
C LEU A 21 -14.51 7.04 8.79
N TRP A 22 -14.01 5.81 8.78
CA TRP A 22 -12.56 5.57 8.59
C TRP A 22 -12.12 5.87 7.16
N LEU A 23 -12.98 5.55 6.18
CA LEU A 23 -12.64 5.90 4.80
C LEU A 23 -12.58 7.41 4.60
N GLY A 24 -13.48 8.17 5.25
CA GLY A 24 -13.47 9.65 5.10
C GLY A 24 -12.26 10.28 5.79
N ILE A 25 -11.93 9.76 6.96
CA ILE A 25 -10.69 10.13 7.66
C ILE A 25 -9.42 9.79 6.82
N GLY A 26 -9.37 8.56 6.32
CA GLY A 26 -8.33 8.13 5.36
C GLY A 26 -8.15 9.11 4.19
N THR A 27 -9.27 9.50 3.52
CA THR A 27 -9.22 10.42 2.34
C THR A 27 -8.56 11.75 2.77
N LEU A 28 -9.01 12.26 3.89
CA LEU A 28 -8.53 13.55 4.41
C LEU A 28 -7.04 13.51 4.72
N LEU A 29 -6.61 12.45 5.40
CA LEU A 29 -5.22 12.26 5.76
C LEU A 29 -4.30 12.05 4.54
N MET A 30 -4.75 11.23 3.58
CA MET A 30 -4.04 11.17 2.27
C MET A 30 -3.94 12.52 1.53
N LEU A 31 -5.02 13.32 1.51
CA LEU A 31 -5.03 14.62 0.83
C LEU A 31 -4.10 15.63 1.51
N ILE A 32 -4.16 15.68 2.83
CA ILE A 32 -3.23 16.52 3.60
C ILE A 32 -1.76 16.08 3.40
N GLY A 33 -1.48 14.78 3.50
CA GLY A 33 -0.15 14.30 3.15
C GLY A 33 0.32 14.70 1.76
N THR A 34 -0.53 14.49 0.74
CA THR A 34 -0.25 14.89 -0.65
C THR A 34 0.12 16.37 -0.71
N PHE A 35 -0.75 17.20 -0.18
CA PHE A 35 -0.49 18.63 -0.29
C PHE A 35 0.67 19.12 0.55
N TYR A 36 0.92 18.46 1.67
CA TYR A 36 2.12 18.79 2.44
C TYR A 36 3.41 18.43 1.66
N PHE A 37 3.42 17.29 0.96
CA PHE A 37 4.63 16.94 0.19
C PHE A 37 4.82 17.87 -1.04
N ILE A 38 3.71 18.30 -1.61
CA ILE A 38 3.76 19.22 -2.74
C ILE A 38 4.34 20.58 -2.28
N ALA A 39 3.79 21.07 -1.17
CA ALA A 39 4.26 22.30 -0.53
C ALA A 39 5.74 22.22 -0.18
N ARG A 40 6.16 21.11 0.44
CA ARG A 40 7.54 20.93 0.83
C ARG A 40 8.43 20.88 -0.44
N GLY A 41 7.95 20.23 -1.48
CA GLY A 41 8.76 20.03 -2.70
C GLY A 41 8.81 21.21 -3.64
N TRP A 42 7.94 22.19 -3.41
CA TRP A 42 7.70 23.31 -4.36
C TRP A 42 8.92 24.01 -4.98
N GLY A 43 9.93 24.36 -4.19
CA GLY A 43 11.07 25.07 -4.77
C GLY A 43 12.36 24.26 -4.84
N VAL A 44 12.23 22.94 -4.78
CA VAL A 44 13.36 22.03 -4.77
C VAL A 44 13.95 21.96 -6.18
N THR A 45 15.28 22.11 -6.29
CA THR A 45 15.94 22.17 -7.60
C THR A 45 16.79 20.93 -7.84
N ASP A 46 17.34 20.35 -6.78
CA ASP A 46 18.25 19.21 -6.91
C ASP A 46 17.53 18.16 -7.76
N LYS A 47 18.16 17.69 -8.85
CA LYS A 47 17.55 16.72 -9.80
C LYS A 47 17.11 15.43 -9.11
N GLU A 48 18.00 14.92 -8.28
CA GLU A 48 17.74 13.70 -7.55
C GLU A 48 16.55 13.88 -6.57
N ALA A 49 16.56 14.96 -5.80
CA ALA A 49 15.52 15.25 -4.81
C ALA A 49 14.15 15.38 -5.48
N ARG A 50 14.08 16.11 -6.58
CA ARG A 50 12.80 16.26 -7.23
C ARG A 50 12.21 14.92 -7.75
N GLU A 51 13.08 13.98 -8.10
CA GLU A 51 12.62 12.65 -8.50
C GLU A 51 11.93 11.95 -7.30
N TYR A 52 12.52 12.06 -6.11
CA TYR A 52 11.90 11.45 -4.93
C TYR A 52 10.58 12.16 -4.58
N TYR A 53 10.57 13.47 -4.70
CA TYR A 53 9.33 14.21 -4.49
C TYR A 53 8.22 13.83 -5.51
N ALA A 54 8.56 13.73 -6.79
CA ALA A 54 7.57 13.36 -7.82
C ALA A 54 6.93 11.97 -7.58
N ILE A 55 7.75 10.98 -7.32
CA ILE A 55 7.29 9.63 -7.04
C ILE A 55 6.41 9.65 -5.78
N THR A 56 6.89 10.32 -4.74
CA THR A 56 6.29 10.18 -3.42
C THR A 56 4.98 10.94 -3.25
N ILE A 57 4.84 12.05 -3.97
CA ILE A 57 3.61 12.85 -3.91
C ILE A 57 2.50 12.01 -4.56
N LEU A 58 2.85 11.32 -5.65
CA LEU A 58 1.85 10.55 -6.37
C LEU A 58 1.31 9.37 -5.55
N VAL A 59 2.10 8.88 -4.59
CA VAL A 59 1.68 7.77 -3.71
C VAL A 59 0.42 8.17 -2.90
N PRO A 60 0.50 9.18 -2.00
CA PRO A 60 -0.78 9.51 -1.37
C PRO A 60 -1.76 10.21 -2.28
N GLY A 61 -1.31 10.80 -3.40
CA GLY A 61 -2.26 11.39 -4.31
C GLY A 61 -3.18 10.31 -4.93
N ILE A 62 -2.56 9.25 -5.41
CA ILE A 62 -3.33 8.11 -5.96
C ILE A 62 -4.22 7.52 -4.82
N ALA A 63 -3.63 7.31 -3.65
CA ALA A 63 -4.42 6.77 -2.54
C ALA A 63 -5.57 7.68 -2.15
N SER A 64 -5.40 9.00 -2.26
CA SER A 64 -6.53 9.91 -2.03
C SER A 64 -7.73 9.56 -2.88
N ALA A 65 -7.48 9.28 -4.14
CA ALA A 65 -8.58 9.00 -5.07
C ALA A 65 -9.19 7.64 -4.73
N ALA A 66 -8.36 6.66 -4.38
CA ALA A 66 -8.93 5.36 -4.07
C ALA A 66 -9.78 5.48 -2.82
N TYR A 67 -9.28 6.21 -1.84
CA TYR A 67 -10.03 6.36 -0.58
C TYR A 67 -11.35 7.08 -0.85
N LEU A 68 -11.33 8.08 -1.70
CA LEU A 68 -12.55 8.86 -1.92
C LEU A 68 -13.56 7.95 -2.67
N ALA A 69 -13.08 7.09 -3.57
CA ALA A 69 -14.00 6.22 -4.30
C ALA A 69 -14.64 5.22 -3.34
N MET A 70 -13.86 4.75 -2.39
CA MET A 70 -14.34 3.80 -1.38
C MET A 70 -15.38 4.50 -0.50
N PHE A 71 -15.06 5.73 -0.09
CA PHE A 71 -15.95 6.53 0.71
C PHE A 71 -17.34 6.69 0.08
N PHE A 72 -17.37 7.19 -1.16
CA PHE A 72 -18.59 7.44 -1.85
C PHE A 72 -19.37 6.16 -2.12
N GLY A 73 -18.65 5.08 -2.35
CA GLY A 73 -19.26 3.75 -2.50
C GLY A 73 -18.99 3.06 -3.80
N ILE A 74 -18.61 3.79 -4.85
CA ILE A 74 -18.31 3.12 -6.10
C ILE A 74 -17.15 2.10 -5.98
N GLY A 75 -16.25 2.32 -5.00
CA GLY A 75 -15.08 1.45 -4.83
C GLY A 75 -15.30 0.19 -3.98
N VAL A 76 -16.57 -0.12 -3.69
CA VAL A 76 -16.93 -1.36 -3.03
C VAL A 76 -17.88 -2.17 -3.94
N THR A 77 -17.77 -3.47 -3.87
CA THR A 77 -18.63 -4.32 -4.69
C THR A 77 -19.08 -5.52 -3.83
N GLU A 78 -20.25 -6.04 -4.13
CA GLU A 78 -20.70 -7.25 -3.44
C GLU A 78 -20.25 -8.49 -4.14
N VAL A 79 -19.68 -9.42 -3.39
CA VAL A 79 -19.28 -10.73 -3.95
C VAL A 79 -20.04 -11.86 -3.26
N GLU A 80 -20.82 -12.60 -4.02
CA GLU A 80 -21.64 -13.65 -3.45
C GLU A 80 -20.86 -14.94 -3.49
N LEU A 81 -20.55 -15.47 -2.32
CA LEU A 81 -19.72 -16.67 -2.24
C LEU A 81 -20.57 -17.94 -2.47
N ALA A 82 -19.89 -19.05 -2.79
CA ALA A 82 -20.53 -20.36 -2.94
C ALA A 82 -21.47 -20.68 -1.76
N SER A 83 -21.09 -20.25 -0.58
CA SER A 83 -21.89 -20.46 0.63
C SER A 83 -23.18 -19.65 0.65
N GLY A 84 -23.24 -18.57 -0.10
CA GLY A 84 -24.38 -17.70 -0.08
C GLY A 84 -24.10 -16.43 0.72
N THR A 85 -22.99 -16.44 1.45
CA THR A 85 -22.50 -15.23 2.15
C THR A 85 -22.19 -14.15 1.10
N VAL A 86 -22.68 -12.94 1.35
CA VAL A 86 -22.40 -11.80 0.47
C VAL A 86 -21.32 -11.01 1.21
N LEU A 87 -20.15 -10.88 0.60
CA LEU A 87 -19.09 -10.05 1.16
C LEU A 87 -19.14 -8.68 0.50
N ASP A 88 -18.80 -7.66 1.30
CA ASP A 88 -18.56 -6.34 0.74
C ASP A 88 -17.06 -6.18 0.54
N ILE A 89 -16.61 -6.22 -0.72
CA ILE A 89 -15.18 -6.18 -1.05
C ILE A 89 -14.82 -4.78 -1.58
N TYR A 90 -13.95 -4.09 -0.83
CA TYR A 90 -13.39 -2.81 -1.26
C TYR A 90 -12.30 -3.09 -2.27
N TYR A 91 -12.70 -3.21 -3.54
CA TYR A 91 -11.80 -3.59 -4.61
C TYR A 91 -10.92 -2.43 -5.05
N ALA A 92 -11.33 -1.21 -4.76
CA ALA A 92 -10.51 -0.03 -5.15
C ALA A 92 -9.15 -0.02 -4.49
N ARG A 93 -9.02 -0.68 -3.32
CA ARG A 93 -7.68 -0.84 -2.69
C ARG A 93 -6.67 -1.41 -3.68
N TYR A 94 -7.09 -2.42 -4.47
CA TYR A 94 -6.12 -3.10 -5.36
C TYR A 94 -5.71 -2.21 -6.52
N ALA A 95 -6.66 -1.39 -7.00
CA ALA A 95 -6.33 -0.36 -8.03
C ALA A 95 -5.26 0.65 -7.55
N ASP A 96 -5.46 1.14 -6.34
CA ASP A 96 -4.48 1.96 -5.57
C ASP A 96 -3.12 1.24 -5.51
N TRP A 97 -3.07 0.05 -4.89
CA TRP A 97 -1.78 -0.64 -4.61
C TRP A 97 -1.05 -0.99 -5.88
N LEU A 98 -1.81 -1.25 -6.93
CA LEU A 98 -1.12 -1.61 -8.19
C LEU A 98 -0.18 -0.52 -8.72
N PHE A 99 -0.48 0.75 -8.47
CA PHE A 99 0.40 1.87 -8.83
C PHE A 99 1.26 2.33 -7.63
N THR A 100 0.69 2.35 -6.43
CA THR A 100 1.46 2.93 -5.31
C THR A 100 2.57 2.02 -4.77
N THR A 101 2.30 0.70 -4.77
CA THR A 101 3.35 -0.25 -4.25
C THR A 101 4.61 -0.27 -5.14
N PRO A 102 4.43 -0.20 -6.47
CA PRO A 102 5.61 -0.07 -7.34
C PRO A 102 6.36 1.25 -7.15
N LEU A 103 5.62 2.34 -6.95
CA LEU A 103 6.25 3.65 -6.67
C LEU A 103 7.02 3.66 -5.36
N LEU A 104 6.43 3.13 -4.29
CA LEU A 104 7.19 2.98 -3.02
C LEU A 104 8.45 2.11 -3.19
N LEU A 105 8.35 1.01 -3.91
CA LEU A 105 9.56 0.20 -4.20
C LEU A 105 10.61 0.97 -5.02
N LEU A 106 10.12 1.81 -5.93
CA LEU A 106 10.97 2.64 -6.81
C LEU A 106 11.76 3.65 -5.97
N ASP A 107 11.06 4.28 -5.00
CA ASP A 107 11.77 5.08 -3.98
C ASP A 107 12.91 4.33 -3.33
N LEU A 108 12.66 3.09 -2.88
CA LEU A 108 13.73 2.30 -2.21
C LEU A 108 14.85 1.94 -3.17
N ALA A 109 14.46 1.65 -4.42
CA ALA A 109 15.46 1.26 -5.45
C ALA A 109 16.36 2.41 -5.86
N LEU A 110 15.82 3.62 -5.82
CA LEU A 110 16.58 4.82 -6.15
C LEU A 110 17.56 5.15 -4.99
N LEU A 111 17.08 4.99 -3.76
CA LEU A 111 17.95 5.17 -2.59
C LEU A 111 19.14 4.19 -2.62
N ALA A 112 18.85 2.93 -2.95
CA ALA A 112 19.87 1.88 -2.99
C ALA A 112 20.75 2.00 -4.23
N LYS A 113 20.28 2.74 -5.23
CA LYS A 113 20.89 2.80 -6.57
C LYS A 113 21.11 1.39 -7.17
N VAL A 114 20.08 0.54 -7.07
CA VAL A 114 20.15 -0.74 -7.75
C VAL A 114 19.97 -0.58 -9.24
N ASP A 115 20.36 -1.63 -9.93
CA ASP A 115 20.34 -1.65 -11.39
C ASP A 115 18.90 -1.72 -11.93
N ARG A 116 18.76 -1.41 -13.21
CA ARG A 116 17.46 -1.33 -13.85
C ARG A 116 16.74 -2.70 -13.96
N VAL A 117 17.51 -3.77 -14.09
CA VAL A 117 16.91 -5.12 -14.15
C VAL A 117 16.22 -5.48 -12.82
N THR A 118 16.90 -5.16 -11.72
CA THR A 118 16.34 -5.37 -10.39
C THR A 118 15.05 -4.58 -10.20
N ILE A 119 15.02 -3.35 -10.70
CA ILE A 119 13.83 -2.52 -10.56
C ILE A 119 12.68 -3.12 -11.35
N GLY A 120 12.94 -3.45 -12.61
CA GLY A 120 11.91 -4.09 -13.44
C GLY A 120 11.39 -5.35 -12.78
N THR A 121 12.28 -6.17 -12.20
CA THR A 121 11.92 -7.43 -11.51
C THR A 121 11.01 -7.18 -10.30
N LEU A 122 11.42 -6.25 -9.45
CA LEU A 122 10.61 -5.84 -8.33
C LEU A 122 9.25 -5.38 -8.73
N ILE A 123 9.17 -4.45 -9.69
CA ILE A 123 7.89 -3.90 -10.10
C ILE A 123 6.97 -5.02 -10.64
N GLY A 124 7.53 -5.90 -11.46
CA GLY A 124 6.72 -6.94 -12.09
C GLY A 124 6.16 -7.92 -11.07
N VAL A 125 7.02 -8.32 -10.13
CA VAL A 125 6.59 -9.30 -9.14
C VAL A 125 5.58 -8.63 -8.21
N ASP A 126 5.85 -7.39 -7.85
CA ASP A 126 4.91 -6.68 -6.94
C ASP A 126 3.52 -6.49 -7.59
N ALA A 127 3.49 -6.14 -8.87
CA ALA A 127 2.23 -5.97 -9.62
C ALA A 127 1.50 -7.34 -9.65
N LEU A 128 2.25 -8.41 -9.91
CA LEU A 128 1.64 -9.76 -9.89
C LEU A 128 1.00 -10.03 -8.52
N MET A 129 1.71 -9.75 -7.43
CA MET A 129 1.14 -9.86 -6.07
C MET A 129 -0.19 -9.14 -5.95
N ILE A 130 -0.24 -7.89 -6.39
CA ILE A 130 -1.47 -7.12 -6.23
C ILE A 130 -2.61 -7.71 -7.10
N VAL A 131 -2.35 -8.00 -8.37
CA VAL A 131 -3.42 -8.51 -9.25
C VAL A 131 -3.95 -9.84 -8.74
N THR A 132 -3.03 -10.75 -8.31
CA THR A 132 -3.54 -12.02 -7.77
C THR A 132 -4.28 -11.84 -6.45
N GLY A 133 -3.85 -10.87 -5.62
CA GLY A 133 -4.64 -10.52 -4.44
C GLY A 133 -6.07 -10.06 -4.80
N LEU A 134 -6.20 -9.25 -5.85
CA LEU A 134 -7.54 -8.76 -6.32
C LEU A 134 -8.44 -9.93 -6.80
N ILE A 135 -7.85 -10.85 -7.56
CA ILE A 135 -8.57 -12.02 -8.05
C ILE A 135 -9.08 -12.82 -6.85
N GLY A 136 -8.19 -13.08 -5.87
CA GLY A 136 -8.58 -13.74 -4.64
C GLY A 136 -9.74 -13.09 -3.89
N ALA A 137 -9.73 -11.76 -3.75
CA ALA A 137 -10.77 -11.00 -3.08
C ALA A 137 -12.09 -11.12 -3.80
N LEU A 138 -12.05 -11.34 -5.10
CA LEU A 138 -13.31 -11.39 -5.87
C LEU A 138 -13.83 -12.84 -6.09
N SER A 139 -13.05 -13.82 -5.65
CA SER A 139 -13.31 -15.23 -5.93
C SER A 139 -14.44 -15.82 -5.10
N LYS A 140 -15.18 -16.75 -5.72
CA LYS A 140 -16.45 -17.17 -5.14
C LYS A 140 -16.29 -18.38 -4.26
N THR A 141 -15.28 -19.18 -4.50
CA THR A 141 -15.12 -20.38 -3.69
C THR A 141 -13.94 -20.27 -2.72
N PRO A 142 -14.07 -20.89 -1.53
CA PRO A 142 -12.99 -20.81 -0.54
C PRO A 142 -11.68 -21.43 -1.03
N LEU A 143 -11.74 -22.53 -1.80
CA LEU A 143 -10.57 -23.08 -2.44
C LEU A 143 -9.82 -22.04 -3.31
N ALA A 144 -10.56 -21.33 -4.16
CA ALA A 144 -9.96 -20.32 -5.02
C ALA A 144 -9.44 -19.14 -4.17
N ARG A 145 -10.21 -18.63 -3.20
CA ARG A 145 -9.80 -17.43 -2.42
C ARG A 145 -8.46 -17.71 -1.70
N TYR A 146 -8.33 -18.91 -1.13
CA TYR A 146 -7.11 -19.19 -0.37
C TYR A 146 -5.96 -19.59 -1.27
N THR A 147 -6.25 -20.21 -2.43
CA THR A 147 -5.18 -20.45 -3.39
C THR A 147 -4.53 -19.13 -3.88
N TRP A 148 -5.37 -18.15 -4.20
CA TRP A 148 -4.88 -16.82 -4.60
C TRP A 148 -4.10 -16.12 -3.52
N TRP A 149 -4.58 -16.22 -2.28
CA TRP A 149 -3.86 -15.58 -1.17
C TRP A 149 -2.46 -16.19 -1.07
N LEU A 150 -2.39 -17.51 -1.23
CA LEU A 150 -1.12 -18.20 -1.27
C LEU A 150 -0.23 -17.76 -2.45
N PHE A 151 -0.80 -17.74 -3.65
CA PHE A 151 -0.07 -17.28 -4.87
C PHE A 151 0.48 -15.85 -4.62
N SER A 152 -0.39 -14.96 -4.15
CA SER A 152 0.03 -13.55 -3.94
C SER A 152 1.11 -13.44 -2.83
N THR A 153 0.87 -14.20 -1.76
CA THR A 153 1.85 -14.29 -0.64
C THR A 153 3.25 -14.74 -1.08
N ILE A 154 3.33 -15.74 -1.97
CA ILE A 154 4.62 -16.18 -2.61
C ILE A 154 5.32 -15.03 -3.41
N ALA A 155 4.53 -14.33 -4.22
CA ALA A 155 5.05 -13.13 -4.89
C ALA A 155 5.59 -12.11 -3.86
N PHE A 156 4.86 -11.89 -2.77
CA PHE A 156 5.27 -10.97 -1.71
C PHE A 156 6.60 -11.40 -1.15
N LEU A 157 6.77 -12.71 -1.03
CA LEU A 157 8.03 -13.22 -0.48
C LEU A 157 9.20 -12.98 -1.43
N PHE A 158 8.98 -13.09 -2.74
CA PHE A 158 10.01 -12.68 -3.68
C PHE A 158 10.35 -11.18 -3.58
N VAL A 159 9.30 -10.35 -3.41
CA VAL A 159 9.50 -8.91 -3.18
C VAL A 159 10.39 -8.65 -1.94
N LEU A 160 10.02 -9.24 -0.82
CA LEU A 160 10.82 -9.06 0.42
C LEU A 160 12.25 -9.57 0.21
N TYR A 161 12.35 -10.70 -0.47
CA TYR A 161 13.64 -11.28 -0.77
C TYR A 161 14.58 -10.36 -1.55
N TYR A 162 14.10 -9.77 -2.65
CA TYR A 162 14.92 -8.84 -3.43
C TYR A 162 15.24 -7.57 -2.68
N LEU A 163 14.30 -7.10 -1.86
CA LEU A 163 14.54 -5.95 -1.00
C LEU A 163 15.69 -6.20 0.01
N LEU A 164 15.64 -7.33 0.71
CA LEU A 164 16.55 -7.62 1.81
C LEU A 164 17.87 -8.25 1.34
N THR A 165 17.99 -8.57 0.04
CA THR A 165 19.25 -9.06 -0.55
C THR A 165 19.78 -8.07 -1.58
N SER A 166 19.24 -8.08 -2.80
CA SER A 166 19.69 -7.19 -3.87
C SER A 166 19.71 -5.69 -3.49
N LEU A 167 18.59 -5.15 -3.00
CA LEU A 167 18.57 -3.71 -2.66
C LEU A 167 19.51 -3.37 -1.51
N ARG A 168 19.44 -4.15 -0.43
CA ARG A 168 20.26 -3.91 0.77
C ARG A 168 21.76 -3.97 0.46
N SER A 169 22.17 -4.87 -0.43
CA SER A 169 23.59 -4.98 -0.79
C SER A 169 24.06 -3.82 -1.69
N ALA A 170 23.15 -3.31 -2.54
CA ALA A 170 23.42 -2.10 -3.31
C ALA A 170 23.52 -0.86 -2.39
N ALA A 171 22.52 -0.69 -1.52
CA ALA A 171 22.51 0.34 -0.47
C ALA A 171 23.78 0.37 0.41
N ALA A 172 24.39 -0.80 0.66
CA ALA A 172 25.63 -0.93 1.47
C ALA A 172 26.79 -0.10 0.90
N LYS A 173 26.71 0.20 -0.40
CA LYS A 173 27.73 0.93 -1.11
C LYS A 173 27.61 2.44 -1.03
N ARG A 174 26.52 2.90 -0.42
CA ARG A 174 26.27 4.29 -0.37
C ARG A 174 26.82 4.79 0.98
N SER A 175 26.62 6.08 1.22
CA SER A 175 27.10 6.76 2.43
C SER A 175 26.27 6.33 3.65
N GLU A 176 26.82 6.49 4.85
CA GLU A 176 26.09 6.18 6.08
C GLU A 176 24.72 6.85 6.17
N GLU A 177 24.62 8.06 5.69
CA GLU A 177 23.35 8.81 5.80
C GLU A 177 22.31 8.20 4.83
N VAL A 178 22.77 7.79 3.65
CA VAL A 178 21.87 7.10 2.70
C VAL A 178 21.47 5.75 3.23
N ARG A 179 22.45 5.02 3.78
CA ARG A 179 22.25 3.70 4.37
C ARG A 179 21.23 3.79 5.53
N SER A 180 21.35 4.81 6.36
CA SER A 180 20.52 4.93 7.56
C SER A 180 19.06 5.06 7.11
N THR A 181 18.82 5.92 6.13
CA THR A 181 17.48 6.18 5.61
C THR A 181 16.92 4.97 4.89
N PHE A 182 17.74 4.34 4.04
CA PHE A 182 17.32 3.11 3.39
C PHE A 182 16.96 2.00 4.37
N ASN A 183 17.79 1.81 5.40
CA ASN A 183 17.55 0.74 6.39
C ASN A 183 16.25 0.96 7.19
N THR A 184 16.00 2.21 7.57
CA THR A 184 14.80 2.60 8.32
C THR A 184 13.55 2.35 7.48
N LEU A 185 13.60 2.79 6.22
CA LEU A 185 12.44 2.61 5.31
C LEU A 185 12.20 1.17 4.87
N THR A 186 13.27 0.41 4.72
CA THR A 186 13.16 -1.00 4.39
C THR A 186 12.56 -1.79 5.57
N ALA A 187 12.90 -1.39 6.80
CA ALA A 187 12.37 -2.01 8.01
C ALA A 187 10.90 -1.67 8.19
N LEU A 188 10.54 -0.43 7.87
CA LEU A 188 9.16 -0.01 7.88
C LEU A 188 8.36 -0.83 6.83
N VAL A 189 8.93 -1.03 5.66
CA VAL A 189 8.24 -1.84 4.63
C VAL A 189 8.11 -3.29 5.06
N ALA A 190 9.20 -3.91 5.51
CA ALA A 190 9.12 -5.31 5.91
C ALA A 190 8.08 -5.51 7.04
N VAL A 191 8.02 -4.64 8.04
CA VAL A 191 7.01 -4.75 9.09
C VAL A 191 5.58 -4.40 8.67
N LEU A 192 5.38 -3.21 8.16
CA LEU A 192 4.04 -2.77 7.75
C LEU A 192 3.41 -3.62 6.62
N TRP A 193 4.18 -3.94 5.59
CA TRP A 193 3.56 -4.61 4.43
C TRP A 193 3.15 -6.04 4.77
N THR A 194 3.94 -6.69 5.62
CA THR A 194 3.56 -8.03 6.17
C THR A 194 2.18 -8.09 6.86
N ALA A 195 1.76 -6.99 7.45
CA ALA A 195 0.45 -6.88 8.07
C ALA A 195 -0.70 -7.04 7.07
N TYR A 196 -0.49 -6.63 5.83
CA TYR A 196 -1.57 -6.66 4.82
C TYR A 196 -2.09 -8.08 4.55
N PRO A 197 -1.22 -9.04 4.21
CA PRO A 197 -1.77 -10.38 3.98
C PRO A 197 -2.36 -11.03 5.25
N ILE A 198 -1.88 -10.60 6.41
CA ILE A 198 -2.43 -11.09 7.66
C ILE A 198 -3.84 -10.55 7.92
N LEU A 199 -4.02 -9.25 7.74
CA LEU A 199 -5.30 -8.58 7.94
C LEU A 199 -6.30 -9.14 6.93
N TRP A 200 -5.82 -9.43 5.72
CA TRP A 200 -6.70 -9.95 4.65
C TRP A 200 -7.27 -11.30 5.05
N ILE A 201 -6.41 -12.18 5.55
CA ILE A 201 -6.81 -13.57 5.84
C ILE A 201 -7.67 -13.69 7.13
N VAL A 202 -7.47 -12.81 8.12
CA VAL A 202 -8.33 -12.77 9.32
C VAL A 202 -9.56 -11.86 9.17
N GLY A 203 -9.58 -11.01 8.14
CA GLY A 203 -10.68 -10.06 7.96
C GLY A 203 -11.82 -10.58 7.08
N THR A 204 -12.67 -9.69 6.56
CA THR A 204 -13.84 -10.12 5.75
C THR A 204 -13.45 -10.92 4.51
N GLU A 205 -12.29 -10.61 3.94
CA GLU A 205 -11.76 -11.31 2.78
C GLU A 205 -11.48 -12.75 3.08
N GLY A 206 -11.25 -13.07 4.35
CA GLY A 206 -10.78 -14.39 4.69
C GLY A 206 -11.69 -15.00 5.75
N ALA A 207 -11.12 -15.22 6.94
CA ALA A 207 -11.83 -15.97 7.97
C ALA A 207 -12.99 -15.23 8.62
N GLY A 208 -12.99 -13.90 8.52
CA GLY A 208 -14.06 -13.09 9.05
C GLY A 208 -14.02 -12.91 10.56
N VAL A 209 -12.84 -13.06 11.16
CA VAL A 209 -12.67 -12.90 12.63
C VAL A 209 -12.59 -11.44 13.05
N VAL A 210 -12.16 -10.60 12.11
CA VAL A 210 -12.18 -9.17 12.26
C VAL A 210 -13.31 -8.65 11.35
N GLY A 211 -14.26 -7.89 11.91
CA GLY A 211 -15.36 -7.28 11.15
C GLY A 211 -14.88 -6.17 10.21
N LEU A 212 -15.73 -5.75 9.27
CA LEU A 212 -15.33 -4.79 8.23
C LEU A 212 -14.93 -3.42 8.82
N GLY A 213 -15.59 -3.02 9.90
CA GLY A 213 -15.38 -1.68 10.46
C GLY A 213 -13.97 -1.62 10.99
N ILE A 214 -13.66 -2.52 11.93
CA ILE A 214 -12.28 -2.62 12.45
C ILE A 214 -11.21 -2.86 11.32
N GLU A 215 -11.54 -3.71 10.35
CA GLU A 215 -10.63 -3.97 9.24
C GLU A 215 -10.32 -2.69 8.43
N THR A 216 -11.36 -1.90 8.16
CA THR A 216 -11.23 -0.64 7.42
C THR A 216 -10.37 0.37 8.22
N LEU A 217 -10.61 0.49 9.52
CA LEU A 217 -9.77 1.32 10.35
C LEU A 217 -8.31 0.83 10.30
N ALA A 218 -8.12 -0.50 10.38
CA ALA A 218 -6.78 -1.08 10.39
C ALA A 218 -6.06 -0.82 9.05
N PHE A 219 -6.74 -1.01 7.91
CA PHE A 219 -6.10 -0.61 6.61
C PHE A 219 -5.80 0.87 6.50
N MET A 220 -6.67 1.72 7.02
CA MET A 220 -6.45 3.16 7.00
C MET A 220 -5.15 3.55 7.77
N VAL A 221 -4.96 2.98 8.97
CA VAL A 221 -3.72 3.19 9.75
C VAL A 221 -2.48 2.70 9.01
N LEU A 222 -2.52 1.45 8.51
CA LEU A 222 -1.41 0.87 7.75
C LEU A 222 -1.11 1.71 6.51
N ASP A 223 -2.16 2.09 5.78
CA ASP A 223 -1.96 2.90 4.54
C ASP A 223 -1.32 4.24 4.83
N VAL A 224 -1.89 4.98 5.79
CA VAL A 224 -1.39 6.34 6.10
C VAL A 224 0.09 6.25 6.55
N THR A 225 0.42 5.25 7.36
CA THR A 225 1.78 5.04 7.88
C THR A 225 2.72 4.65 6.74
N ALA A 226 2.23 3.73 5.91
CA ALA A 226 2.97 3.24 4.75
C ALA A 226 3.17 4.26 3.62
N LYS A 227 2.30 5.26 3.57
CA LYS A 227 2.38 6.27 2.53
C LYS A 227 2.84 7.64 3.05
N VAL A 228 2.10 8.22 3.96
CA VAL A 228 2.46 9.53 4.45
C VAL A 228 3.61 9.43 5.44
N GLY A 229 3.60 8.42 6.31
CA GLY A 229 4.71 8.19 7.26
C GLY A 229 6.00 7.91 6.53
N PHE A 230 5.93 6.94 5.62
CA PHE A 230 7.09 6.54 4.85
C PHE A 230 7.55 7.76 4.09
N GLY A 231 6.62 8.48 3.44
CA GLY A 231 7.04 9.63 2.65
C GLY A 231 7.66 10.75 3.49
N PHE A 232 7.13 10.96 4.69
CA PHE A 232 7.71 12.00 5.58
C PHE A 232 9.14 11.70 5.98
N VAL A 233 9.40 10.45 6.35
CA VAL A 233 10.75 9.96 6.73
C VAL A 233 11.69 10.09 5.53
N LEU A 234 11.20 9.70 4.34
CA LEU A 234 12.03 9.81 3.12
C LEU A 234 12.34 11.27 2.71
N LEU A 235 11.29 12.09 2.63
CA LEU A 235 11.44 13.43 2.06
C LEU A 235 12.09 14.44 2.99
N ARG A 236 12.15 14.13 4.29
CA ARG A 236 12.82 14.97 5.31
C ARG A 236 14.31 14.68 5.45
N SER A 237 14.74 13.64 4.73
CA SER A 237 16.04 13.01 4.88
C SER A 237 17.14 13.77 4.13
N ARG A 238 18.34 13.81 4.70
CA ARG A 238 19.50 14.35 3.97
C ARG A 238 19.83 13.40 2.82
N ALA A 239 19.52 12.12 3.03
CA ALA A 239 19.81 11.01 2.09
C ALA A 239 19.46 11.23 0.62
N ILE A 240 18.62 12.21 0.31
CA ILE A 240 18.65 12.68 -1.07
C ILE A 240 19.94 13.49 -1.36
C1 RET B . -2.72 -9.07 -0.52
C2 RET B . -3.68 -10.10 0.02
C3 RET B . -3.14 -11.34 -0.66
C4 RET B . -1.71 -11.67 -0.21
C5 RET B . -0.83 -10.43 -0.04
C6 RET B . -1.28 -9.16 -0.08
C7 RET B . -0.36 -7.99 0.11
C8 RET B . -0.64 -6.68 -0.05
C9 RET B . 0.34 -5.60 0.23
C10 RET B . -0.16 -4.34 0.30
C11 RET B . 0.62 -3.13 0.59
C12 RET B . -0.04 -1.97 0.48
C13 RET B . 0.57 -0.65 0.64
C14 RET B . -0.28 0.35 0.34
C15 RET B . -0.03 1.76 0.33
C16 RET B . -3.01 -8.05 -1.58
C17 RET B . -3.26 -8.16 0.62
C18 RET B . 0.60 -10.79 0.24
C19 RET B . 1.81 -5.95 0.50
C20 RET B . 2.02 -0.47 0.99
C1 22B C . 8.37 19.04 -7.22
C2 22B C . 8.09 18.71 -8.70
C3 22B C . 7.03 17.61 -8.82
C4 22B C . 5.80 17.89 -8.38
C5 22B C . 4.63 16.97 -8.40
C6 22B C . 3.42 17.53 -8.38
C7 22B C . 2.24 16.67 -8.38
C8 22B C . 1.05 17.19 -8.06
C9 22B C . -0.15 16.35 -8.00
C10 22B C . -1.32 16.98 -7.85
C11 22B C . -2.60 16.32 -7.75
C12 22B C . -3.56 17.05 -7.20
C13 22B C . -4.95 16.60 -7.01
C14 22B C . -5.58 16.93 -5.86
C15 22B C . -7.00 16.57 -5.50
C16 22B C . 9.80 18.77 -6.81
C17 22B C . 8.01 20.50 -6.98
C18 22B C . 4.76 15.47 -8.44
C19 22B C . -0.06 14.84 -8.05
C20 22B C . -5.59 15.80 -8.10
C21 22B C . 9.35 18.36 -9.50
C22 22B C . 9.80 19.46 -10.47
C23 22B C . 9.65 19.08 -11.95
C24 22B C . 8.42 18.20 -12.19
C25 22B C . 10.92 18.40 -12.48
O26 22B C . 7.52 18.20 -6.42
O27 22B C . 9.45 20.28 -12.71
S SO4 D . -21.34 6.55 -6.07
O1 SO4 D . -21.46 5.99 -7.37
O2 SO4 D . -20.04 6.42 -5.44
O3 SO4 D . -22.13 5.59 -5.17
O4 SO4 D . -21.94 7.87 -5.95
C1 L2P E . -18.63 -1.66 -10.75
O1 L2P E . -17.34 -2.28 -10.71
C2 L2P E . -18.64 -0.43 -11.69
O2 L2P E . -17.44 0.33 -11.55
C3 L2P E . -19.80 0.55 -11.38
O3 L2P E . -21.08 -0.07 -11.17
C11 L2P E . -17.26 -3.54 -10.02
C12 L2P E . -16.73 -4.63 -10.98
C13 L2P E . -15.43 -5.39 -10.64
C14 L2P E . -15.69 -6.57 -9.70
C15 L2P E . -14.27 -4.51 -10.14
C16 L2P E . -12.98 -4.72 -10.93
C17 L2P E . -12.18 -3.43 -11.11
C18 L2P E . -10.68 -3.67 -10.98
C19 L2P E . -10.33 -4.06 -9.56
C20 L2P E . -9.85 -2.45 -11.35
C21 L2P E . -8.45 -2.90 -11.78
C22 L2P E . -7.37 -2.01 -11.16
C23 L2P E . -6.56 -1.23 -12.20
C24 L2P E . -5.09 -1.24 -11.83
C25 L2P E . -7.10 0.20 -12.35
C26 L2P E . -6.48 0.97 -13.52
C27 L2P E . -7.15 2.32 -13.72
C28 L2P E . -8.40 2.18 -14.58
C29 L2P E . -9.65 2.55 -13.79
C30 L2P E . -8.29 3.02 -15.84
C41 L2P E . -16.36 0.10 -12.48
C42 L2P E . -15.15 0.89 -11.95
C43 L2P E . -13.96 0.95 -12.89
C44 L2P E . -13.48 -0.45 -13.25
C45 L2P E . -12.74 1.78 -12.41
C46 L2P E . -12.68 2.37 -10.98
C47 L2P E . -11.52 1.82 -10.13
C48 L2P E . -11.16 2.60 -8.84
C49 L2P E . -12.39 3.25 -8.19
C50 L2P E . -10.06 3.63 -9.13
C51 L2P E . -9.34 4.27 -7.92
C52 L2P E . -7.80 4.19 -8.07
C53 L2P E . -7.08 5.43 -8.57
C54 L2P E . -8.10 6.46 -9.02
C55 L2P E . -6.05 5.04 -9.62
C56 L2P E . -5.57 6.18 -10.50
C57 L2P E . -4.06 6.32 -10.59
C58 L2P E . -3.58 6.79 -11.95
C59 L2P E . -2.29 7.60 -11.85
C60 L2P E . -3.43 5.62 -12.92
C11 L3P F . -20.09 12.38 14.22
C12 L3P F . -19.19 11.73 13.19
C13 L3P F . -17.70 12.00 13.41
C14 L3P F . -17.18 11.39 14.72
C15 L3P F . -17.33 13.48 13.28
C16 L3P F . -16.37 13.73 12.11
C17 L3P F . -14.93 13.95 12.61
C18 L3P F . -13.90 14.16 11.49
C19 L3P F . -14.14 13.29 10.26
C20 L3P F . -12.50 13.93 12.07
C21 L3P F . -11.55 15.10 11.85
C22 L3P F . -10.13 14.62 11.51
C23 L3P F . -9.27 15.67 10.80
C24 L3P F . -9.87 16.06 9.44
C25 L3P F . -7.85 15.13 10.65
C26 L3P F . -6.86 16.15 10.08
C27 L3P F . -5.81 16.55 11.11
C28 L3P F . -4.63 17.26 10.46
C29 L3P F . -4.80 18.78 10.48
C30 L3P F . -3.30 16.86 11.09
C15 L4P G . 12.82 3.90 -14.17
C16 L4P G . 11.39 3.42 -14.20
C17 L4P G . 10.40 4.48 -13.74
C18 L4P G . 8.97 4.13 -14.15
C19 L4P G . 8.29 5.28 -14.88
C20 L4P G . 8.18 3.69 -12.92
C21 L4P G . 6.91 2.89 -13.27
C22 L4P G . 6.13 2.54 -12.00
C23 L4P G . 4.66 2.31 -12.28
C24 L4P G . 3.80 2.99 -11.23
C25 L4P G . 4.37 0.82 -12.31
C26 L4P G . 3.22 0.47 -13.26
C27 L4P G . 2.51 -0.81 -12.81
C28 L4P G . 2.06 -1.68 -13.98
C29 L4P G . 2.85 -2.99 -14.09
C30 L4P G . 0.55 -1.94 -13.92
C15 L4P H . 15.75 6.05 -12.95
C16 L4P H . 15.10 7.40 -13.16
C17 L4P H . 13.58 7.34 -12.94
C18 L4P H . 12.70 8.41 -13.65
C19 L4P H . 13.48 9.38 -14.53
C20 L4P H . 11.82 9.17 -12.64
C21 L4P H . 10.37 9.41 -13.05
C22 L4P H . 9.44 9.49 -11.82
C23 L4P H . 7.94 9.59 -12.10
C24 L4P H . 7.36 10.75 -11.31
C25 L4P H . 7.15 8.34 -11.67
C26 L4P H . 6.30 7.74 -12.79
C27 L4P H . 4.79 7.97 -12.66
C28 L4P H . 3.96 7.00 -13.54
C29 L4P H . 2.46 6.95 -13.19
C30 L4P H . 4.20 7.14 -15.05
C1 SQL I . -14.60 -5.45 -15.18
C2 SQL I . -14.41 -3.94 -15.18
C3 SQL I . -15.71 -3.26 -15.58
C4 SQL I . -13.25 -3.51 -16.08
C5 SQL I . -11.89 -3.73 -15.44
C6 SQL I . -10.99 -2.50 -15.59
C7 SQL I . -9.66 -2.84 -16.28
C8 SQL I . -9.81 -2.84 -17.78
C9 SQL I . -8.59 -1.83 -15.84
C10 SQL I . -7.19 -2.20 -16.31
C11 SQL I . -6.40 -0.99 -16.78
C12 SQL I . -4.92 -1.28 -16.94
C13 SQL I . -4.64 -2.08 -18.21
C14 SQL I . -4.11 0.02 -16.95
C15 SQL I . -2.84 -0.16 -17.74
C16 SQL I . -1.66 -0.01 -17.15
C17 SQL I . -0.43 -0.19 -17.95
C18 SQL I . 0.73 0.34 -17.55
C19 SQL I . 0.74 1.12 -16.26
C20 SQL I . 2.02 0.18 -18.31
C21 SQL I . 2.80 1.50 -18.34
C22 SQL I . 4.20 1.35 -17.74
C23 SQL I . 5.10 2.52 -18.12
C24 SQL I . 6.56 2.06 -18.12
C25 SQL I . 7.47 3.01 -18.89
C26 SQL I . 8.88 2.45 -19.04
C27 SQL I . 9.95 3.55 -19.01
C28 SQL I . 11.07 3.20 -18.03
C29 SQL I . 10.52 3.80 -20.40
C30 SQL I . 4.89 3.69 -17.16
#